data_3ETA
#
_entry.id   3ETA
#
_cell.length_a   89.105
_cell.length_b   94.751
_cell.length_c   129.858
_cell.angle_alpha   90.00
_cell.angle_beta   90.00
_cell.angle_gamma   90.00
#
_symmetry.space_group_name_H-M   'P 21 21 21'
#
loop_
_entity.id
_entity.type
_entity.pdbx_description
1 polymer 'insulin receptor, kinase domain'
2 non-polymer 1-(3-{5-[4-(aminomethyl)phenyl]-1H-pyrrolo[2,3-b]pyridin-3-yl}phenyl)-3-(2-phenoxyphenyl)urea
3 water water
#
_entity_poly.entity_id   1
_entity_poly.type   'polypeptide(L)'
_entity_poly.pdbx_seq_one_letter_code
;MKKGHHHHHHGEVSREKITLLRELGQGSFGMVYEGNARDIIKGEAETRVAVKTVNESASLRERIEFLNEASVMKGFTCHH
VVRLLGVVSKGQPTLVVMELMAHGDLKSYLRSLRPEAENNPGRPPPTLQEMIQMAAEIADGMAYLNAKKFVHRDLAARNC
MVAHDFTVKIGDFGMTRDIYETDYYRKGGKGLLPVRWMAPESLKDGVFTTSSDMWSFGVVLWEITSLAEQPYQGLSNEQV
LKFVMDGGYLDQPDNCPERVTDLMRMCWQFNPKMRPTFLEIVNLLKDDLHPSFPEVSFFHSEENKAPESEELEMEFE
;
_entity_poly.pdbx_strand_id   A,B
#
loop_
_chem_comp.id
_chem_comp.type
_chem_comp.name
_chem_comp.formula
351 non-polymer 1-(3-{5-[4-(aminomethyl)phenyl]-1H-pyrrolo[2,3-b]pyridin-3-yl}phenyl)-3-(2-phenoxyphenyl)urea 'C33 H27 N5 O2'
#
# COMPACT_ATOMS: atom_id res chain seq x y z
N GLU A 12 15.37 -7.46 4.96
CA GLU A 12 14.84 -8.31 6.08
C GLU A 12 15.94 -8.79 7.03
N VAL A 13 15.79 -8.42 8.30
CA VAL A 13 16.84 -8.55 9.31
C VAL A 13 16.29 -9.16 10.60
N SER A 14 17.04 -10.10 11.19
CA SER A 14 16.72 -10.68 12.49
C SER A 14 16.63 -9.63 13.59
N ARG A 15 15.60 -9.76 14.42
CA ARG A 15 15.35 -8.79 15.50
C ARG A 15 16.53 -8.65 16.47
N GLU A 16 17.23 -9.76 16.74
CA GLU A 16 18.35 -9.74 17.69
C GLU A 16 19.61 -9.04 17.15
N LYS A 17 19.67 -8.79 15.84
CA LYS A 17 20.80 -8.10 15.23
C LYS A 17 20.72 -6.58 15.38
N ILE A 18 19.60 -6.08 15.89
CA ILE A 18 19.37 -4.65 16.07
C ILE A 18 19.19 -4.33 17.56
N THR A 19 19.90 -3.31 18.03
CA THR A 19 19.73 -2.82 19.39
C THR A 19 19.60 -1.31 19.40
N LEU A 20 18.46 -0.82 19.89
CA LEU A 20 18.24 0.61 20.02
C LEU A 20 18.98 1.15 21.25
N LEU A 21 19.70 2.26 21.06
CA LEU A 21 20.54 2.82 22.11
C LEU A 21 19.99 4.10 22.71
N ARG A 22 19.50 4.98 21.84
CA ARG A 22 19.05 6.32 22.25
C ARG A 22 18.12 6.92 21.19
N GLU A 23 17.33 7.90 21.61
CA GLU A 23 16.45 8.62 20.72
C GLU A 23 17.24 9.64 19.93
N LEU A 24 17.03 9.67 18.62
CA LEU A 24 17.62 10.70 17.76
C LEU A 24 16.66 11.88 17.62
N GLY A 25 15.38 11.59 17.49
CA GLY A 25 14.35 12.62 17.38
C GLY A 25 13.08 12.06 16.78
N GLN A 26 11.98 12.79 16.96
CA GLN A 26 10.70 12.40 16.39
C GLN A 26 10.73 12.50 14.88
N GLY A 27 10.46 11.38 14.20
CA GLY A 27 10.18 11.39 12.77
C GLY A 27 8.75 11.86 12.56
N SER A 28 8.17 11.53 11.41
CA SER A 28 6.83 12.00 11.11
C SER A 28 5.73 11.25 11.86
N PHE A 29 5.82 9.92 11.85
CA PHE A 29 4.78 9.10 12.46
C PHE A 29 5.31 8.30 13.65
N GLY A 30 6.52 8.60 14.11
CA GLY A 30 7.15 7.86 15.19
C GLY A 30 8.60 8.25 15.47
N MET A 31 9.12 7.73 16.57
CA MET A 31 10.47 8.05 17.03
C MET A 31 11.54 7.47 16.11
N VAL A 32 12.63 8.20 15.92
CA VAL A 32 13.81 7.66 15.24
C VAL A 32 14.90 7.41 16.26
N TYR A 33 15.44 6.19 16.26
CA TYR A 33 16.46 5.80 17.23
C TYR A 33 17.83 5.65 16.58
N GLU A 34 18.87 5.89 17.36
CA GLU A 34 20.19 5.43 16.97
C GLU A 34 20.35 4.04 17.56
N GLY A 35 20.83 3.10 16.75
CA GLY A 35 21.03 1.74 17.19
C GLY A 35 22.31 1.12 16.69
N ASN A 36 22.65 -0.04 17.23
N ASN A 36 22.67 -0.01 17.29
CA ASN A 36 23.79 -0.82 16.76
CA ASN A 36 23.72 -0.87 16.77
C ASN A 36 23.29 -2.07 16.01
C ASN A 36 23.10 -1.92 15.86
N ALA A 37 23.82 -2.28 14.81
CA ALA A 37 23.39 -3.39 13.97
C ALA A 37 24.52 -4.38 13.73
N ARG A 38 24.26 -5.64 14.03
CA ARG A 38 25.26 -6.70 13.87
C ARG A 38 25.10 -7.37 12.51
N ASP A 39 26.21 -7.42 11.76
CA ASP A 39 26.30 -8.18 10.50
C ASP A 39 25.27 -7.84 9.43
N ILE A 40 24.96 -6.54 9.28
CA ILE A 40 24.05 -6.09 8.22
C ILE A 40 24.77 -5.74 6.92
N ILE A 41 26.01 -5.25 7.04
CA ILE A 41 26.85 -4.95 5.88
C ILE A 41 28.01 -5.95 5.82
N LYS A 42 28.35 -6.39 4.61
CA LYS A 42 29.47 -7.30 4.38
C LYS A 42 30.80 -6.65 4.80
N GLY A 43 31.56 -7.36 5.63
CA GLY A 43 32.86 -6.88 6.11
C GLY A 43 32.82 -6.08 7.40
N GLU A 44 31.60 -5.76 7.86
CA GLU A 44 31.41 -5.01 9.10
C GLU A 44 30.68 -5.86 10.13
N ALA A 45 31.35 -6.14 11.24
CA ALA A 45 30.74 -6.91 12.34
C ALA A 45 29.67 -6.09 13.04
N GLU A 46 29.84 -4.77 13.03
CA GLU A 46 28.90 -3.83 13.62
C GLU A 46 28.75 -2.57 12.79
N THR A 47 27.56 -1.99 12.84
CA THR A 47 27.31 -0.72 12.17
C THR A 47 26.36 0.11 13.02
N ARG A 48 26.74 1.36 13.27
CA ARG A 48 25.82 2.30 13.88
C ARG A 48 24.77 2.66 12.83
N VAL A 49 23.51 2.62 13.23
CA VAL A 49 22.40 2.80 12.31
C VAL A 49 21.32 3.72 12.87
N ALA A 50 20.51 4.29 11.99
CA ALA A 50 19.27 4.95 12.38
C ALA A 50 18.14 3.94 12.21
N VAL A 51 17.19 3.97 13.13
CA VAL A 51 16.10 3.02 13.13
C VAL A 51 14.79 3.78 13.23
N LYS A 52 14.02 3.71 12.16
CA LYS A 52 12.74 4.40 12.06
C LYS A 52 11.64 3.50 12.64
N THR A 53 10.81 4.06 13.52
CA THR A 53 9.69 3.31 14.09
C THR A 53 8.39 4.09 13.93
N VAL A 54 7.28 3.43 14.24
CA VAL A 54 5.96 4.05 14.15
C VAL A 54 5.33 4.15 15.55
N ASN A 55 4.76 5.32 15.84
N ASN A 55 4.76 5.31 15.87
CA ASN A 55 4.07 5.61 17.12
CA ASN A 55 4.19 5.57 17.20
C ASN A 55 2.97 4.62 17.46
C ASN A 55 2.90 4.81 17.47
N GLU A 56 2.63 4.54 18.75
CA GLU A 56 1.43 3.83 19.18
C GLU A 56 0.17 4.61 18.81
N SER A 57 0.31 5.90 18.56
CA SER A 57 -0.81 6.77 18.17
C SER A 57 -0.92 7.00 16.66
N ALA A 58 -0.14 6.26 15.87
CA ALA A 58 -0.22 6.39 14.42
C ALA A 58 -1.46 5.68 13.89
N SER A 59 -2.09 6.28 12.87
CA SER A 59 -3.30 5.73 12.28
C SER A 59 -3.00 4.63 11.25
N LEU A 60 -4.06 4.02 10.72
CA LEU A 60 -3.93 3.03 9.66
C LEU A 60 -3.27 3.62 8.42
N ARG A 61 -3.70 4.82 8.02
CA ARG A 61 -3.17 5.50 6.84
C ARG A 61 -1.67 5.76 7.00
N GLU A 62 -1.26 6.14 8.21
CA GLU A 62 0.13 6.48 8.50
C GLU A 62 1.02 5.23 8.56
N ARG A 63 0.52 4.15 9.12
CA ARG A 63 1.23 2.88 9.09
C ARG A 63 1.46 2.41 7.66
N ILE A 64 0.44 2.56 6.84
CA ILE A 64 0.51 2.23 5.41
C ILE A 64 1.61 3.05 4.73
N GLU A 65 1.67 4.35 5.02
CA GLU A 65 2.70 5.22 4.42
C GLU A 65 4.09 4.83 4.93
N PHE A 66 4.17 4.53 6.23
CA PHE A 66 5.39 4.09 6.86
C PHE A 66 5.93 2.81 6.21
N LEU A 67 5.09 1.78 6.11
CA LEU A 67 5.48 0.53 5.47
C LEU A 67 5.76 0.69 3.97
N ASN A 68 4.93 1.48 3.29
CA ASN A 68 5.11 1.76 1.87
C ASN A 68 6.49 2.34 1.59
N GLU A 69 6.90 3.29 2.43
CA GLU A 69 8.21 3.92 2.29
C GLU A 69 9.32 2.88 2.38
N ALA A 70 9.24 2.01 3.40
CA ALA A 70 10.22 0.94 3.57
C ALA A 70 10.29 0.06 2.33
N SER A 71 9.14 -0.33 1.81
CA SER A 71 9.07 -1.21 0.66
C SER A 71 9.69 -0.57 -0.59
N VAL A 72 9.32 0.68 -0.86
CA VAL A 72 9.81 1.39 -2.05
C VAL A 72 11.32 1.60 -1.98
N MET A 73 11.83 1.88 -0.79
CA MET A 73 13.26 2.12 -0.59
C MET A 73 14.13 0.86 -0.68
N LYS A 74 13.51 -0.32 -0.68
CA LYS A 74 14.25 -1.57 -0.86
C LYS A 74 14.92 -1.62 -2.23
N GLY A 75 14.37 -0.86 -3.18
CA GLY A 75 14.88 -0.82 -4.54
C GLY A 75 15.88 0.30 -4.80
N PHE A 76 16.22 1.07 -3.77
CA PHE A 76 17.15 2.19 -3.95
C PHE A 76 18.55 1.85 -3.45
N THR A 77 19.52 1.94 -4.35
CA THR A 77 20.93 1.85 -3.98
C THR A 77 21.68 3.01 -4.64
N CYS A 78 21.96 4.04 -3.86
CA CYS A 78 22.71 5.20 -4.35
C CYS A 78 23.51 5.84 -3.23
N HIS A 79 24.77 6.14 -3.52
CA HIS A 79 25.67 6.73 -2.53
C HIS A 79 25.16 8.08 -2.03
N HIS A 80 24.33 8.75 -2.82
CA HIS A 80 23.88 10.09 -2.49
C HIS A 80 22.38 10.15 -2.12
N VAL A 81 21.83 8.98 -1.77
CA VAL A 81 20.49 8.88 -1.20
C VAL A 81 20.61 8.06 0.08
N VAL A 82 20.01 8.56 1.16
CA VAL A 82 20.02 7.88 2.45
C VAL A 82 19.51 6.46 2.24
N ARG A 83 20.36 5.49 2.56
N ARG A 83 20.36 5.48 2.53
CA ARG A 83 20.10 4.09 2.23
CA ARG A 83 20.06 4.09 2.17
C ARG A 83 19.24 3.39 3.28
C ARG A 83 19.32 3.32 3.26
N LEU A 84 18.42 2.45 2.83
CA LEU A 84 17.73 1.53 3.73
C LEU A 84 18.59 0.29 3.79
N LEU A 85 18.94 -0.13 5.01
CA LEU A 85 19.82 -1.28 5.17
C LEU A 85 19.07 -2.58 5.34
N GLY A 86 17.88 -2.50 5.92
CA GLY A 86 17.02 -3.66 6.16
C GLY A 86 15.81 -3.33 7.00
N VAL A 87 14.91 -4.29 7.12
CA VAL A 87 13.71 -4.14 7.94
C VAL A 87 13.60 -5.34 8.88
N VAL A 88 13.24 -5.07 10.13
CA VAL A 88 12.80 -6.12 11.04
C VAL A 88 11.28 -6.11 10.99
N SER A 89 10.72 -7.08 10.27
CA SER A 89 9.29 -7.10 10.02
C SER A 89 8.57 -8.30 10.65
N LYS A 90 9.33 -9.26 11.15
CA LYS A 90 8.73 -10.42 11.81
C LYS A 90 8.35 -10.06 13.23
N GLY A 91 7.04 -10.10 13.52
CA GLY A 91 6.51 -9.65 14.79
C GLY A 91 6.49 -8.14 14.92
N GLN A 92 6.25 -7.67 16.13
CA GLN A 92 6.12 -6.25 16.41
C GLN A 92 7.21 -5.83 17.38
N PRO A 93 7.71 -4.57 17.26
CA PRO A 93 7.37 -3.54 16.27
C PRO A 93 8.21 -3.61 15.00
N THR A 94 7.73 -2.98 13.94
CA THR A 94 8.48 -2.90 12.69
C THR A 94 9.65 -1.94 12.89
N LEU A 95 10.86 -2.41 12.61
CA LEU A 95 12.02 -1.56 12.69
C LEU A 95 12.58 -1.35 11.29
N VAL A 96 12.57 -0.10 10.86
CA VAL A 96 13.10 0.24 9.54
C VAL A 96 14.51 0.79 9.72
N VAL A 97 15.50 -0.05 9.40
CA VAL A 97 16.91 0.22 9.67
C VAL A 97 17.59 0.91 8.49
N MET A 98 18.24 2.03 8.79
CA MET A 98 18.83 2.88 7.75
C MET A 98 20.21 3.39 8.15
N GLU A 99 20.98 3.86 7.16
CA GLU A 99 22.33 4.35 7.44
C GLU A 99 22.25 5.57 8.36
N LEU A 100 23.10 5.59 9.38
CA LEU A 100 23.16 6.71 10.29
C LEU A 100 23.76 7.90 9.56
N MET A 101 23.02 9.01 9.55
CA MET A 101 23.53 10.29 9.07
C MET A 101 23.86 11.14 10.30
N ALA A 102 25.08 10.96 10.80
CA ALA A 102 25.49 11.50 12.11
C ALA A 102 25.24 12.99 12.32
N HIS A 103 25.35 13.79 11.27
CA HIS A 103 25.19 15.24 11.41
C HIS A 103 23.77 15.76 11.12
N GLY A 104 22.84 14.85 10.90
CA GLY A 104 21.43 15.21 10.74
C GLY A 104 21.13 16.04 9.49
N ASP A 105 20.06 16.82 9.55
CA ASP A 105 19.59 17.54 8.37
C ASP A 105 20.45 18.76 8.02
N LEU A 106 20.47 19.09 6.73
CA LEU A 106 21.28 20.18 6.23
C LEU A 106 20.83 21.55 6.73
N LYS A 107 19.53 21.75 6.92
CA LYS A 107 19.04 23.03 7.45
C LYS A 107 19.62 23.33 8.84
N SER A 108 19.48 22.37 9.76
CA SER A 108 20.05 22.50 11.09
C SER A 108 21.55 22.71 11.04
N TYR A 109 22.21 22.00 10.12
CA TYR A 109 23.65 22.10 9.98
C TYR A 109 24.05 23.47 9.45
N LEU A 110 23.40 23.93 8.39
CA LEU A 110 23.65 25.25 7.84
C LEU A 110 23.42 26.34 8.88
N ARG A 111 22.33 26.25 9.63
CA ARG A 111 22.03 27.22 10.69
C ARG A 111 23.07 27.23 11.82
N SER A 112 23.70 26.08 12.06
CA SER A 112 24.74 25.97 13.10
C SER A 112 26.03 26.66 12.65
N LEU A 113 26.20 26.81 11.34
CA LEU A 113 27.40 27.43 10.78
C LEU A 113 27.37 28.95 10.80
N ARG A 114 26.23 29.52 11.20
CA ARG A 114 26.12 30.97 11.39
C ARG A 114 27.08 31.40 12.50
N PRO A 115 27.79 32.52 12.28
CA PRO A 115 28.78 32.98 13.26
C PRO A 115 28.14 33.16 14.65
N GLU A 116 26.90 33.64 14.67
CA GLU A 116 26.18 33.95 15.91
C GLU A 116 25.63 32.71 16.61
N ALA A 117 25.31 31.68 15.84
CA ALA A 117 24.66 30.46 16.34
C ALA A 117 25.33 29.90 17.58
N GLU A 118 24.52 29.55 18.57
CA GLU A 118 25.02 29.05 19.85
C GLU A 118 25.61 27.63 19.75
N ASN A 119 25.11 26.86 18.80
CA ASN A 119 25.62 25.50 18.57
C ASN A 119 26.64 25.43 17.44
N ASN A 120 27.43 26.49 17.28
CA ASN A 120 28.48 26.56 16.27
C ASN A 120 29.54 25.49 16.55
N PRO A 121 29.69 24.53 15.61
CA PRO A 121 30.55 23.35 15.78
C PRO A 121 32.05 23.67 15.73
N GLY A 122 32.38 24.93 15.51
CA GLY A 122 33.78 25.39 15.48
C GLY A 122 34.43 25.38 14.11
N ARG A 123 33.63 25.57 13.07
CA ARG A 123 34.14 25.68 11.70
C ARG A 123 33.45 26.78 10.90
N PRO A 124 34.17 27.42 9.96
CA PRO A 124 33.63 28.49 9.11
C PRO A 124 32.38 28.09 8.31
N PRO A 125 31.66 29.08 7.75
CA PRO A 125 30.60 28.80 6.78
C PRO A 125 31.13 28.00 5.59
N PRO A 126 30.24 27.41 4.77
CA PRO A 126 30.69 26.59 3.64
C PRO A 126 31.49 27.40 2.63
N THR A 127 32.61 26.84 2.17
CA THR A 127 33.42 27.45 1.12
C THR A 127 32.77 27.18 -0.24
N LEU A 128 33.25 27.85 -1.28
CA LEU A 128 32.74 27.63 -2.64
C LEU A 128 32.85 26.17 -3.10
N GLN A 129 34.00 25.54 -2.86
N GLN A 129 34.00 25.55 -2.88
CA GLN A 129 34.22 24.15 -3.24
CA GLN A 129 34.23 24.14 -3.22
C GLN A 129 33.28 23.20 -2.49
C GLN A 129 33.24 23.23 -2.51
N GLU A 130 33.02 23.50 -1.22
CA GLU A 130 32.08 22.73 -0.40
C GLU A 130 30.65 22.88 -0.91
N MET A 131 30.31 24.07 -1.39
CA MET A 131 28.99 24.33 -1.97
C MET A 131 28.80 23.56 -3.28
N ILE A 132 29.84 23.55 -4.12
CA ILE A 132 29.82 22.79 -5.38
C ILE A 132 29.66 21.29 -5.13
N GLN A 133 30.44 20.78 -4.17
CA GLN A 133 30.39 19.38 -3.79
C GLN A 133 28.98 18.99 -3.29
N MET A 134 28.44 19.76 -2.36
CA MET A 134 27.07 19.58 -1.88
C MET A 134 26.04 19.56 -3.00
N ALA A 135 26.14 20.55 -3.89
CA ALA A 135 25.21 20.70 -4.99
C ALA A 135 25.17 19.46 -5.89
N ALA A 136 26.36 18.96 -6.23
CA ALA A 136 26.50 17.81 -7.13
C ALA A 136 25.95 16.55 -6.49
N GLU A 137 26.27 16.35 -5.21
CA GLU A 137 25.79 15.21 -4.44
C GLU A 137 24.27 15.18 -4.34
N ILE A 138 23.67 16.33 -4.00
CA ILE A 138 22.21 16.48 -3.96
C ILE A 138 21.61 16.21 -5.35
N ALA A 139 22.21 16.81 -6.37
CA ALA A 139 21.77 16.63 -7.75
C ALA A 139 21.94 15.19 -8.23
N ASP A 140 23.01 14.52 -7.79
CA ASP A 140 23.27 13.13 -8.19
C ASP A 140 22.26 12.17 -7.57
N GLY A 141 21.95 12.37 -6.29
CA GLY A 141 20.91 11.59 -5.62
C GLY A 141 19.57 11.78 -6.30
N MET A 142 19.24 13.02 -6.63
CA MET A 142 17.98 13.33 -7.32
C MET A 142 17.93 12.73 -8.72
N ALA A 143 19.08 12.71 -9.41
CA ALA A 143 19.20 12.11 -10.73
C ALA A 143 18.89 10.62 -10.67
N TYR A 144 19.41 9.95 -9.65
CA TYR A 144 19.14 8.54 -9.40
C TYR A 144 17.65 8.28 -9.16
N LEU A 145 17.04 9.10 -8.31
CA LEU A 145 15.63 8.98 -7.98
C LEU A 145 14.75 9.21 -9.21
N ASN A 146 15.12 10.21 -10.01
CA ASN A 146 14.43 10.48 -11.26
C ASN A 146 14.51 9.29 -12.25
N ALA A 147 15.68 8.65 -12.31
CA ALA A 147 15.85 7.43 -13.12
C ALA A 147 14.97 6.28 -12.63
N LYS A 148 14.55 6.35 -11.37
CA LYS A 148 13.62 5.38 -10.78
C LYS A 148 12.19 5.86 -10.89
N LYS A 149 11.99 6.97 -11.60
CA LYS A 149 10.66 7.59 -11.79
C LYS A 149 10.03 7.96 -10.45
N PHE A 150 10.87 8.49 -9.57
CA PHE A 150 10.46 8.97 -8.25
C PHE A 150 10.43 10.48 -8.28
N VAL A 151 9.37 11.06 -7.73
CA VAL A 151 9.29 12.51 -7.56
C VAL A 151 9.26 12.79 -6.06
N HIS A 152 10.23 13.56 -5.59
CA HIS A 152 10.41 13.77 -4.16
C HIS A 152 9.26 14.55 -3.49
N ARG A 153 8.86 15.66 -4.12
CA ARG A 153 7.75 16.51 -3.63
C ARG A 153 8.10 17.42 -2.45
N ASP A 154 9.21 17.13 -1.76
CA ASP A 154 9.63 17.92 -0.59
C ASP A 154 11.15 18.10 -0.51
N LEU A 155 11.81 18.31 -1.66
CA LEU A 155 13.23 18.63 -1.65
C LEU A 155 13.46 19.98 -0.98
N ALA A 156 14.37 19.99 -0.03
CA ALA A 156 14.65 21.16 0.81
C ALA A 156 15.84 20.77 1.68
N ALA A 157 16.59 21.76 2.13
CA ALA A 157 17.75 21.50 2.98
C ALA A 157 17.36 20.67 4.21
N ARG A 158 16.18 20.93 4.78
CA ARG A 158 15.73 20.21 5.97
C ARG A 158 15.55 18.71 5.73
N ASN A 159 15.45 18.32 4.46
CA ASN A 159 15.33 16.91 4.08
C ASN A 159 16.61 16.31 3.52
N CYS A 160 17.61 17.13 3.25
CA CYS A 160 18.93 16.62 2.93
C CYS A 160 19.64 16.26 4.22
N MET A 161 20.46 15.22 4.19
CA MET A 161 21.16 14.81 5.39
C MET A 161 22.68 14.81 5.21
N VAL A 162 23.39 15.03 6.31
CA VAL A 162 24.85 15.14 6.33
C VAL A 162 25.47 13.95 7.06
N ALA A 163 26.34 13.23 6.37
CA ALA A 163 27.00 12.05 6.95
C ALA A 163 28.19 12.45 7.84
N HIS A 164 28.89 11.45 8.38
N HIS A 164 28.87 11.43 8.36
CA HIS A 164 30.06 11.70 9.23
CA HIS A 164 30.06 11.58 9.19
C HIS A 164 31.17 12.42 8.46
C HIS A 164 31.19 12.35 8.48
N ASP A 165 31.38 12.04 7.20
CA ASP A 165 32.41 12.67 6.38
C ASP A 165 31.88 13.91 5.66
N PHE A 166 30.67 14.33 6.01
CA PHE A 166 30.05 15.54 5.48
C PHE A 166 29.50 15.41 4.06
N THR A 167 29.53 14.20 3.49
CA THR A 167 28.78 13.89 2.27
C THR A 167 27.30 14.19 2.51
N VAL A 168 26.68 14.87 1.55
CA VAL A 168 25.26 15.21 1.65
C VAL A 168 24.44 14.25 0.80
N LYS A 169 23.32 13.80 1.36
CA LYS A 169 22.47 12.81 0.70
C LYS A 169 20.98 13.18 0.79
N ILE A 170 20.21 12.74 -0.19
CA ILE A 170 18.78 12.99 -0.21
C ILE A 170 18.06 12.14 0.84
N GLY A 171 17.27 12.79 1.68
CA GLY A 171 16.40 12.08 2.62
C GLY A 171 14.99 12.64 2.60
N ASP A 172 14.15 12.14 3.51
CA ASP A 172 12.82 12.68 3.71
C ASP A 172 12.31 12.32 5.10
N PHE A 173 12.34 13.31 6.00
CA PHE A 173 11.83 13.15 7.35
C PHE A 173 10.30 13.19 7.41
N GLY A 174 9.67 13.66 6.35
CA GLY A 174 8.24 13.95 6.38
C GLY A 174 7.98 15.40 6.75
N MET A 175 6.74 15.72 7.05
CA MET A 175 6.31 17.12 7.23
C MET A 175 5.99 17.50 8.68
N THR A 176 5.94 16.52 9.58
CA THR A 176 5.35 16.76 10.91
C THR A 176 6.32 16.94 12.09
N ARG A 177 7.63 16.96 11.84
CA ARG A 177 8.59 17.36 12.87
C ARG A 177 8.26 18.76 13.36
N ASP A 178 8.28 18.97 14.67
CA ASP A 178 7.96 20.27 15.26
C ASP A 178 8.95 21.37 14.85
N ILE A 179 10.23 21.01 14.74
CA ILE A 179 11.30 21.98 14.50
C ILE A 179 11.10 22.87 13.25
N TYR A 180 10.52 22.31 12.19
CA TYR A 180 10.30 23.10 10.97
C TYR A 180 8.82 23.18 10.58
N GLU A 181 7.95 23.26 11.59
CA GLU A 181 6.52 23.49 11.40
C GLU A 181 6.18 24.61 10.41
N THR A 182 6.86 25.75 10.57
CA THR A 182 6.59 26.95 9.76
C THR A 182 7.06 26.84 8.30
N ASP A 183 7.82 25.80 7.99
CA ASP A 183 8.19 25.50 6.60
C ASP A 183 7.01 24.89 5.82
N TYR A 184 5.88 24.71 6.49
CA TYR A 184 4.68 24.15 5.88
C TYR A 184 3.45 25.00 6.14
N TYR A 185 2.56 25.03 5.15
CA TYR A 185 1.32 25.78 5.21
C TYR A 185 0.16 24.91 4.77
N ARG A 186 -0.93 24.95 5.54
CA ARG A 186 -2.10 24.15 5.25
C ARG A 186 -2.97 24.92 4.25
N LYS A 187 -2.55 24.92 2.98
CA LYS A 187 -3.14 25.80 1.97
C LYS A 187 -4.56 25.39 1.59
N GLY A 188 -5.42 26.39 1.38
CA GLY A 188 -6.83 26.17 1.05
C GLY A 188 -7.62 25.64 2.24
N LYS A 190 -7.01 22.01 3.31
CA LYS A 190 -6.32 20.87 2.69
C LYS A 190 -5.05 20.46 3.46
N GLY A 191 -4.14 19.74 2.81
CA GLY A 191 -2.96 19.18 3.49
C GLY A 191 -1.75 20.10 3.59
N LEU A 192 -0.87 19.82 4.55
CA LEU A 192 0.37 20.57 4.73
C LEU A 192 1.21 20.52 3.46
N LEU A 193 1.72 21.69 3.05
CA LEU A 193 2.55 21.78 1.86
C LEU A 193 3.73 22.73 2.07
N PRO A 194 4.91 22.39 1.51
CA PRO A 194 6.10 23.22 1.64
C PRO A 194 6.11 24.36 0.63
N VAL A 195 5.19 25.31 0.80
CA VAL A 195 4.88 26.31 -0.24
C VAL A 195 6.06 27.20 -0.64
N ARG A 196 6.95 27.48 0.32
CA ARG A 196 8.13 28.30 0.05
C ARG A 196 9.18 27.58 -0.80
N TRP A 197 8.97 26.29 -1.01
CA TRP A 197 9.86 25.48 -1.83
C TRP A 197 9.22 25.04 -3.13
N MET A 198 7.94 25.38 -3.31
CA MET A 198 7.17 24.83 -4.41
C MET A 198 7.25 25.63 -5.70
N ALA A 199 7.25 24.92 -6.82
CA ALA A 199 7.22 25.51 -8.15
C ALA A 199 5.88 26.19 -8.40
N PRO A 200 5.85 27.22 -9.26
CA PRO A 200 4.60 27.91 -9.56
C PRO A 200 3.48 26.99 -10.08
N GLU A 201 3.84 25.98 -10.88
CA GLU A 201 2.84 25.07 -11.45
C GLU A 201 2.28 24.10 -10.41
N SER A 202 3.09 23.78 -9.40
CA SER A 202 2.67 22.96 -8.27
C SER A 202 1.72 23.72 -7.36
N LEU A 203 1.99 25.01 -7.20
CA LEU A 203 1.13 25.88 -6.40
C LEU A 203 -0.22 26.11 -7.08
N LYS A 204 -0.21 26.17 -8.41
CA LYS A 204 -1.43 26.40 -9.18
C LYS A 204 -2.24 25.12 -9.42
N ASP A 205 -1.60 24.11 -9.97
CA ASP A 205 -2.28 22.89 -10.43
C ASP A 205 -2.20 21.72 -9.45
N GLY A 206 -1.27 21.78 -8.50
CA GLY A 206 -1.07 20.69 -7.54
C GLY A 206 -0.22 19.54 -8.08
N VAL A 207 0.34 19.73 -9.27
CA VAL A 207 1.17 18.71 -9.91
C VAL A 207 2.61 18.76 -9.42
N PHE A 208 3.20 17.59 -9.18
CA PHE A 208 4.60 17.50 -8.81
C PHE A 208 5.32 16.61 -9.82
N THR A 209 6.44 17.10 -10.33
CA THR A 209 7.22 16.41 -11.35
C THR A 209 8.69 16.53 -10.98
N THR A 210 9.55 15.85 -11.72
CA THR A 210 10.99 16.02 -11.54
C THR A 210 11.39 17.49 -11.74
N SER A 211 10.65 18.18 -12.62
CA SER A 211 10.89 19.59 -12.90
C SER A 211 10.56 20.50 -11.72
N SER A 212 9.50 20.17 -10.97
CA SER A 212 9.21 20.91 -9.74
C SER A 212 10.24 20.58 -8.65
N ASP A 213 10.76 19.35 -8.65
CA ASP A 213 11.90 19.03 -7.80
C ASP A 213 13.10 19.92 -8.10
N MET A 214 13.37 20.16 -9.39
CA MET A 214 14.42 21.06 -9.83
C MET A 214 14.24 22.49 -9.28
N TRP A 215 13.00 22.99 -9.33
CA TRP A 215 12.70 24.28 -8.71
C TRP A 215 13.16 24.25 -7.26
N SER A 216 12.71 23.23 -6.52
CA SER A 216 13.07 23.08 -5.12
C SER A 216 14.59 23.00 -4.93
N PHE A 217 15.26 22.30 -5.85
CA PHE A 217 16.72 22.23 -5.83
C PHE A 217 17.32 23.64 -5.86
N GLY A 218 16.79 24.50 -6.73
CA GLY A 218 17.16 25.90 -6.77
C GLY A 218 17.05 26.56 -5.39
N VAL A 219 15.96 26.24 -4.68
CA VAL A 219 15.73 26.80 -3.35
C VAL A 219 16.72 26.23 -2.32
N VAL A 220 17.05 24.94 -2.45
CA VAL A 220 18.09 24.32 -1.61
C VAL A 220 19.42 25.06 -1.76
N LEU A 221 19.79 25.36 -3.00
CA LEU A 221 21.01 26.12 -3.27
C LEU A 221 20.97 27.49 -2.62
N TRP A 222 19.79 28.12 -2.68
CA TRP A 222 19.56 29.41 -2.03
C TRP A 222 19.76 29.30 -0.53
N GLU A 223 19.27 28.19 0.04
CA GLU A 223 19.42 27.91 1.46
C GLU A 223 20.89 27.76 1.84
N ILE A 224 21.66 27.03 1.03
CA ILE A 224 23.08 26.81 1.26
C ILE A 224 23.83 28.14 1.33
N THR A 225 23.55 29.02 0.36
CA THR A 225 24.25 30.30 0.25
C THR A 225 23.73 31.38 1.20
N SER A 226 22.58 31.13 1.83
CA SER A 226 22.04 32.06 2.82
C SER A 226 22.07 31.47 4.24
N LEU A 227 22.74 30.33 4.39
CA LEU A 227 22.76 29.58 5.65
C LEU A 227 21.36 29.30 6.20
N ALA A 228 20.48 28.87 5.29
CA ALA A 228 19.15 28.38 5.61
C ALA A 228 18.22 29.42 6.26
N GLU A 229 18.21 30.62 5.69
CA GLU A 229 17.20 31.61 6.03
C GLU A 229 15.84 31.12 5.53
N GLN A 230 14.76 31.77 5.99
CA GLN A 230 13.43 31.47 5.49
C GLN A 230 13.25 32.13 4.12
N PRO A 231 12.98 31.32 3.07
CA PRO A 231 12.70 31.89 1.75
C PRO A 231 11.50 32.84 1.79
N TYR A 232 11.60 33.96 1.07
CA TYR A 232 10.56 35.00 1.02
C TYR A 232 10.22 35.50 2.43
N GLN A 233 11.28 35.78 3.19
CA GLN A 233 11.24 36.24 4.58
C GLN A 233 10.14 37.26 4.87
N GLY A 234 10.07 38.33 4.07
CA GLY A 234 9.12 39.41 4.30
C GLY A 234 7.70 39.14 3.80
N LEU A 235 7.47 37.94 3.30
CA LEU A 235 6.16 37.58 2.74
C LEU A 235 5.47 36.51 3.57
N SER A 236 4.16 36.70 3.78
CA SER A 236 3.34 35.71 4.45
C SER A 236 3.08 34.51 3.52
N ASN A 237 2.64 33.40 4.08
CA ASN A 237 2.37 32.19 3.30
C ASN A 237 1.43 32.44 2.10
N GLU A 238 0.33 33.15 2.34
CA GLU A 238 -0.58 33.54 1.27
C GLU A 238 0.10 34.40 0.21
N GLN A 239 0.97 35.31 0.64
CA GLN A 239 1.68 36.20 -0.28
C GLN A 239 2.67 35.42 -1.13
N VAL A 240 3.31 34.40 -0.55
CA VAL A 240 4.25 33.56 -1.28
C VAL A 240 3.54 32.86 -2.45
N LEU A 241 2.39 32.23 -2.17
CA LEU A 241 1.55 31.61 -3.21
C LEU A 241 1.36 32.55 -4.41
N LYS A 242 0.88 33.75 -4.12
CA LYS A 242 0.59 34.74 -5.15
C LYS A 242 1.87 35.23 -5.85
N PHE A 243 2.92 35.45 -5.07
CA PHE A 243 4.17 35.97 -5.59
C PHE A 243 4.77 35.02 -6.62
N VAL A 244 4.88 33.74 -6.24
CA VAL A 244 5.52 32.72 -7.09
C VAL A 244 4.68 32.41 -8.36
N MET A 245 3.39 32.17 -8.17
CA MET A 245 2.48 31.91 -9.30
C MET A 245 2.51 33.03 -10.35
N ASP A 246 2.74 34.27 -9.90
CA ASP A 246 2.80 35.42 -10.81
C ASP A 246 4.16 35.66 -11.46
N GLY A 247 5.14 34.84 -11.11
CA GLY A 247 6.46 34.94 -11.75
C GLY A 247 7.59 35.37 -10.84
N GLY A 248 7.29 35.54 -9.56
CA GLY A 248 8.29 35.93 -8.59
C GLY A 248 9.20 34.77 -8.21
N TYR A 249 10.45 35.11 -7.90
CA TYR A 249 11.43 34.16 -7.38
C TYR A 249 12.27 34.87 -6.32
N LEU A 250 13.17 34.12 -5.69
CA LEU A 250 14.02 34.65 -4.63
C LEU A 250 15.12 35.58 -5.18
N ASP A 251 15.55 36.53 -4.35
CA ASP A 251 16.72 37.34 -4.65
C ASP A 251 17.96 36.59 -4.19
N GLN A 252 19.12 36.97 -4.73
CA GLN A 252 20.38 36.33 -4.36
C GLN A 252 20.84 36.76 -2.97
N PRO A 253 21.28 35.80 -2.14
CA PRO A 253 21.89 36.12 -0.85
C PRO A 253 23.16 36.95 -1.03
N ASP A 254 23.54 37.68 0.03
CA ASP A 254 24.76 38.50 0.00
C ASP A 254 26.01 37.62 -0.18
N ASN A 255 26.98 38.14 -0.92
CA ASN A 255 28.23 37.42 -1.23
C ASN A 255 28.03 36.05 -1.90
N CYS A 256 26.90 35.88 -2.58
CA CYS A 256 26.62 34.64 -3.27
C CYS A 256 27.51 34.51 -4.52
N PRO A 257 28.26 33.40 -4.63
CA PRO A 257 29.11 33.16 -5.79
C PRO A 257 28.30 33.15 -7.09
N GLU A 258 28.84 33.73 -8.14
CA GLU A 258 28.15 33.85 -9.43
C GLU A 258 27.74 32.50 -10.02
N ARG A 259 28.60 31.50 -9.84
CA ARG A 259 28.37 30.17 -10.40
C ARG A 259 27.12 29.50 -9.83
N VAL A 260 26.92 29.69 -8.53
CA VAL A 260 25.75 29.14 -7.84
C VAL A 260 24.49 29.94 -8.20
N THR A 261 24.62 31.26 -8.29
CA THR A 261 23.55 32.14 -8.74
C THR A 261 23.02 31.72 -10.11
N ASP A 262 23.94 31.44 -11.05
CA ASP A 262 23.57 31.00 -12.39
C ASP A 262 22.72 29.73 -12.38
N LEU A 263 23.09 28.78 -11.53
CA LEU A 263 22.32 27.54 -11.36
C LEU A 263 20.90 27.85 -10.88
N MET A 264 20.78 28.70 -9.86
CA MET A 264 19.50 29.13 -9.31
C MET A 264 18.55 29.66 -10.38
N ARG A 265 19.10 30.48 -11.28
CA ARG A 265 18.32 31.10 -12.33
C ARG A 265 17.81 30.06 -13.35
N MET A 266 18.59 28.98 -13.52
CA MET A 266 18.20 27.87 -14.39
C MET A 266 17.03 27.12 -13.76
N CYS A 267 17.10 26.92 -12.45
CA CYS A 267 16.09 26.19 -11.71
C CYS A 267 14.77 26.93 -11.63
N TRP A 268 14.81 28.26 -11.71
CA TRP A 268 13.62 29.08 -11.50
C TRP A 268 12.98 29.65 -12.77
N GLN A 269 13.27 29.05 -13.92
CA GLN A 269 12.52 29.30 -15.15
C GLN A 269 11.05 29.01 -14.88
N PHE A 270 10.17 29.92 -15.29
CA PHE A 270 8.73 29.76 -15.03
C PHE A 270 8.18 28.50 -15.69
N ASN A 271 8.50 28.31 -16.97
CA ASN A 271 8.15 27.10 -17.70
C ASN A 271 9.07 25.96 -17.27
N PRO A 272 8.49 24.89 -16.67
CA PRO A 272 9.28 23.75 -16.20
C PRO A 272 10.18 23.09 -17.26
N LYS A 273 9.75 23.14 -18.52
CA LYS A 273 10.50 22.53 -19.62
C LYS A 273 11.76 23.31 -20.00
N MET A 274 11.94 24.48 -19.40
CA MET A 274 13.12 25.32 -19.60
C MET A 274 14.16 25.07 -18.52
N ARG A 275 13.75 24.35 -17.47
CA ARG A 275 14.64 24.02 -16.36
C ARG A 275 15.56 22.87 -16.73
N PRO A 276 16.75 22.80 -16.12
CA PRO A 276 17.66 21.68 -16.37
C PRO A 276 17.21 20.40 -15.70
N THR A 277 17.81 19.27 -16.12
CA THR A 277 17.64 18.01 -15.42
C THR A 277 18.75 17.89 -14.39
N PHE A 278 18.61 16.94 -13.45
CA PHE A 278 19.62 16.72 -12.42
C PHE A 278 20.93 16.18 -13.00
N LEU A 279 20.83 15.39 -14.06
CA LEU A 279 22.01 14.92 -14.77
C LEU A 279 22.80 16.10 -15.37
N GLU A 280 22.08 17.08 -15.90
CA GLU A 280 22.68 18.28 -16.47
C GLU A 280 23.42 19.11 -15.42
N ILE A 281 22.83 19.22 -14.23
CA ILE A 281 23.50 19.90 -13.10
C ILE A 281 24.84 19.23 -12.79
N VAL A 282 24.82 17.92 -12.50
CA VAL A 282 26.06 17.19 -12.21
C VAL A 282 27.06 17.38 -13.35
N ASN A 283 26.58 17.32 -14.60
CA ASN A 283 27.44 17.51 -15.76
C ASN A 283 28.15 18.86 -15.76
N LEU A 284 27.45 19.90 -15.29
CA LEU A 284 28.04 21.24 -15.14
C LEU A 284 29.10 21.31 -14.05
N LEU A 285 28.95 20.51 -12.99
CA LEU A 285 29.83 20.61 -11.83
C LEU A 285 30.95 19.56 -11.77
N LYS A 286 30.80 18.51 -12.55
CA LYS A 286 31.62 17.29 -12.45
C LYS A 286 33.14 17.48 -12.33
N ASP A 287 33.70 18.45 -13.05
CA ASP A 287 35.15 18.63 -13.13
C ASP A 287 35.78 19.15 -11.83
N ASP A 288 34.98 19.76 -10.98
CA ASP A 288 35.50 20.42 -9.78
C ASP A 288 35.16 19.68 -8.49
N LEU A 289 34.69 18.44 -8.63
CA LEU A 289 34.30 17.63 -7.48
C LEU A 289 35.46 16.79 -6.96
N HIS A 290 35.28 16.20 -5.78
CA HIS A 290 36.28 15.32 -5.19
C HIS A 290 36.58 14.15 -6.12
N PRO A 291 37.87 13.75 -6.22
CA PRO A 291 38.26 12.63 -7.09
C PRO A 291 37.47 11.33 -6.88
N SER A 292 36.85 11.18 -5.72
CA SER A 292 36.08 9.99 -5.40
C SER A 292 34.67 10.02 -6.01
N PHE A 293 34.23 11.20 -6.43
CA PHE A 293 32.88 11.35 -6.99
C PHE A 293 32.58 10.38 -8.15
N PRO A 294 33.46 10.26 -9.17
CA PRO A 294 33.20 9.27 -10.23
C PRO A 294 33.12 7.80 -9.79
N GLU A 295 33.75 7.46 -8.67
N GLU A 295 33.78 7.46 -8.68
CA GLU A 295 33.74 6.08 -8.18
CA GLU A 295 33.75 6.09 -8.15
C GLU A 295 32.48 5.73 -7.39
C GLU A 295 32.39 5.75 -7.55
N VAL A 296 31.73 6.75 -6.96
CA VAL A 296 30.52 6.54 -6.16
C VAL A 296 29.20 7.06 -6.77
N SER A 297 29.30 7.97 -7.73
CA SER A 297 28.12 8.69 -8.22
C SER A 297 27.20 7.84 -9.09
N PHE A 298 25.92 8.22 -9.14
CA PHE A 298 25.00 7.63 -10.13
C PHE A 298 25.40 8.05 -11.53
N PHE A 299 25.73 9.34 -11.67
CA PHE A 299 26.12 9.95 -12.94
C PHE A 299 27.18 9.17 -13.71
N HIS A 300 28.24 8.75 -13.02
CA HIS A 300 29.36 8.06 -13.69
C HIS A 300 29.21 6.55 -13.79
N SER A 301 28.15 6.00 -13.18
CA SER A 301 27.96 4.55 -13.10
C SER A 301 27.35 3.93 -14.36
N GLU A 302 27.54 2.62 -14.50
CA GLU A 302 26.96 1.85 -15.61
C GLU A 302 25.45 2.00 -15.67
N GLU A 303 24.82 2.03 -14.50
CA GLU A 303 23.36 2.13 -14.39
C GLU A 303 22.80 3.33 -15.14
N ASN A 304 23.50 4.46 -15.09
CA ASN A 304 23.07 5.66 -15.84
C ASN A 304 23.18 5.46 -17.36
N LYS A 305 22.01 5.31 -17.99
CA LYS A 305 21.91 5.11 -19.43
C LYS A 305 20.97 6.13 -20.06
N GLU B 12 -12.14 3.53 12.78
CA GLU B 12 -11.20 3.38 13.94
C GLU B 12 -11.91 3.10 15.26
N VAL B 13 -11.55 1.97 15.87
CA VAL B 13 -12.20 1.49 17.10
C VAL B 13 -11.18 1.36 18.23
N SER B 14 -11.62 1.64 19.45
CA SER B 14 -10.80 1.46 20.65
C SER B 14 -10.56 -0.02 20.95
N ARG B 15 -9.37 -0.33 21.43
CA ARG B 15 -8.98 -1.71 21.76
C ARG B 15 -9.81 -2.26 22.93
N GLU B 16 -10.30 -1.36 23.77
CA GLU B 16 -11.06 -1.69 24.97
C GLU B 16 -12.43 -2.28 24.63
N LYS B 17 -13.00 -1.86 23.50
CA LYS B 17 -14.33 -2.28 23.06
C LYS B 17 -14.33 -3.64 22.38
N ILE B 18 -13.15 -4.18 22.07
CA ILE B 18 -13.01 -5.45 21.37
C ILE B 18 -12.54 -6.55 22.32
N THR B 19 -13.28 -7.64 22.38
CA THR B 19 -12.91 -8.81 23.17
C THR B 19 -12.84 -10.05 22.28
N LEU B 20 -11.67 -10.69 22.27
CA LEU B 20 -11.46 -11.91 21.50
C LEU B 20 -11.95 -13.13 22.27
N LEU B 21 -12.77 -13.97 21.62
CA LEU B 21 -13.41 -15.10 22.27
C LEU B 21 -12.73 -16.44 21.96
N ARG B 22 -12.55 -16.75 20.68
CA ARG B 22 -11.91 -18.00 20.25
C ARG B 22 -11.38 -17.90 18.81
N GLU B 23 -10.49 -18.81 18.46
CA GLU B 23 -9.93 -18.90 17.11
C GLU B 23 -10.93 -19.52 16.14
N LEU B 24 -11.18 -18.84 15.03
CA LEU B 24 -12.03 -19.38 13.96
C LEU B 24 -11.21 -20.12 12.90
N GLY B 25 -10.00 -19.66 12.64
N GLY B 25 -10.00 -19.63 12.64
CA GLY B 25 -9.11 -20.35 11.71
CA GLY B 25 -9.09 -20.21 11.66
C GLY B 25 -7.88 -19.56 11.33
C GLY B 25 -7.90 -19.31 11.37
N GLN B 26 -7.33 -19.91 10.17
N GLN B 26 -6.71 -19.89 11.31
CA GLN B 26 -6.17 -19.21 9.65
CA GLN B 26 -5.50 -19.14 11.00
C GLN B 26 -6.57 -18.41 8.41
C GLN B 26 -4.83 -19.65 9.72
N GLY B 27 -6.64 -17.10 8.57
N GLY B 27 -4.32 -18.74 8.91
CA GLY B 27 -6.82 -16.22 7.42
CA GLY B 27 -3.66 -19.10 7.66
C GLY B 27 -5.60 -16.34 6.54
C GLY B 27 -2.14 -19.09 7.76
N SER B 28 -5.28 -15.27 5.80
N SER B 28 -1.48 -19.06 6.61
CA SER B 28 -4.12 -15.29 4.94
CA SER B 28 -0.03 -19.04 6.57
C SER B 28 -2.83 -15.28 5.76
C SER B 28 0.51 -17.73 7.14
N PHE B 29 -2.50 -14.12 6.32
N PHE B 29 -0.21 -16.64 6.91
CA PHE B 29 -1.22 -13.96 6.99
CA PHE B 29 0.26 -15.32 7.32
C PHE B 29 -1.38 -13.95 8.51
C PHE B 29 -0.75 -14.58 8.19
N GLY B 30 -2.50 -14.47 9.00
N GLY B 30 -1.92 -15.18 8.41
CA GLY B 30 -2.73 -14.53 10.45
CA GLY B 30 -2.96 -14.54 9.20
C GLY B 30 -4.09 -15.01 10.89
C GLY B 30 -3.85 -15.47 10.00
N MET B 31 -4.19 -15.32 12.18
N MET B 31 -4.42 -14.94 11.08
CA MET B 31 -5.40 -15.88 12.79
CA MET B 31 -5.37 -15.68 11.91
C MET B 31 -6.63 -14.99 12.61
C MET B 31 -6.70 -14.94 11.97
N VAL B 32 -7.77 -15.63 12.38
CA VAL B 32 -9.10 -15.00 12.46
C VAL B 32 -9.79 -15.44 13.75
N TYR B 33 -10.25 -14.47 14.53
CA TYR B 33 -10.92 -14.75 15.81
C TYR B 33 -12.42 -14.42 15.75
N GLU B 34 -13.20 -15.14 16.53
CA GLU B 34 -14.55 -14.68 16.85
C GLU B 34 -14.43 -13.71 18.01
N GLY B 35 -15.17 -12.62 17.95
CA GLY B 35 -15.07 -11.59 18.97
C GLY B 35 -16.37 -10.92 19.39
N ASN B 36 -16.27 -10.08 20.41
CA ASN B 36 -17.38 -9.27 20.87
C ASN B 36 -17.01 -7.79 20.83
N ALA B 37 -17.89 -6.98 20.24
CA ALA B 37 -17.64 -5.54 20.10
C ALA B 37 -18.67 -4.68 20.82
N ARG B 38 -18.18 -3.67 21.54
CA ARG B 38 -19.02 -2.77 22.32
C ARG B 38 -19.15 -1.42 21.60
N ASP B 39 -20.40 -0.97 21.42
CA ASP B 39 -20.73 0.34 20.85
C ASP B 39 -20.09 0.67 19.49
N ILE B 40 -19.97 -0.32 18.61
CA ILE B 40 -19.37 -0.06 17.28
C ILE B 40 -20.40 0.19 16.17
N ILE B 41 -21.60 -0.36 16.34
CA ILE B 41 -22.73 -0.04 15.46
C ILE B 41 -23.76 0.73 16.28
N LYS B 42 -24.32 1.78 15.69
CA LYS B 42 -25.30 2.63 16.37
C LYS B 42 -26.57 1.86 16.74
N GLY B 43 -27.02 2.01 17.98
CA GLY B 43 -28.19 1.30 18.50
C GLY B 43 -27.94 -0.16 18.83
N GLU B 44 -26.66 -0.49 19.09
CA GLU B 44 -26.25 -1.84 19.46
C GLU B 44 -25.21 -1.81 20.56
N ALA B 45 -25.58 -2.31 21.74
CA ALA B 45 -24.67 -2.40 22.88
C ALA B 45 -23.54 -3.40 22.60
N GLU B 46 -23.90 -4.57 22.07
CA GLU B 46 -22.92 -5.60 21.73
C GLU B 46 -23.14 -6.13 20.32
N THR B 47 -22.04 -6.34 19.60
CA THR B 47 -22.09 -6.96 18.29
C THR B 47 -21.09 -8.11 18.23
N ARG B 48 -21.57 -9.27 17.76
CA ARG B 48 -20.70 -10.40 17.48
C ARG B 48 -19.90 -10.05 16.23
N VAL B 49 -18.59 -10.25 16.29
CA VAL B 49 -17.70 -9.86 15.19
C VAL B 49 -16.63 -10.90 14.85
N ALA B 50 -16.05 -10.77 13.66
CA ALA B 50 -14.85 -11.48 13.27
C ALA B 50 -13.67 -10.53 13.34
N VAL B 51 -12.57 -10.99 13.93
CA VAL B 51 -11.41 -10.15 14.10
C VAL B 51 -10.22 -10.77 13.39
N LYS B 52 -9.71 -10.02 12.40
CA LYS B 52 -8.61 -10.46 11.57
C LYS B 52 -7.31 -9.85 12.09
N THR B 53 -6.31 -10.70 12.29
CA THR B 53 -4.97 -10.25 12.68
C THR B 53 -3.92 -10.82 11.75
N VAL B 54 -2.70 -10.34 11.91
CA VAL B 54 -1.56 -10.83 11.15
C VAL B 54 -0.66 -11.55 12.16
N ASN B 55 -0.01 -12.63 11.75
CA ASN B 55 0.83 -13.39 12.69
C ASN B 55 2.32 -13.02 12.67
N GLU B 56 3.10 -13.70 13.51
CA GLU B 56 4.53 -13.44 13.66
C GLU B 56 5.37 -13.82 12.43
N SER B 57 4.79 -14.64 11.55
CA SER B 57 5.46 -15.12 10.33
C SER B 57 5.45 -14.07 9.24
N ALA B 58 4.45 -13.18 9.31
CA ALA B 58 4.19 -12.20 8.27
C ALA B 58 5.33 -11.20 8.09
N SER B 59 5.83 -11.11 6.87
CA SER B 59 6.87 -10.14 6.51
C SER B 59 6.26 -8.80 6.09
N LEU B 60 7.11 -7.86 5.69
CA LEU B 60 6.69 -6.53 5.25
C LEU B 60 5.57 -6.55 4.20
N ARG B 61 5.74 -7.37 3.17
CA ARG B 61 4.80 -7.43 2.05
C ARG B 61 3.40 -7.88 2.48
N GLU B 62 3.35 -8.85 3.39
CA GLU B 62 2.09 -9.37 3.90
C GLU B 62 1.41 -8.41 4.86
N ARG B 63 2.20 -7.68 5.64
CA ARG B 63 1.67 -6.59 6.44
C ARG B 63 1.04 -5.51 5.57
N ILE B 64 1.73 -5.17 4.48
CA ILE B 64 1.25 -4.15 3.54
C ILE B 64 -0.09 -4.59 2.97
N GLU B 65 -0.18 -5.84 2.51
CA GLU B 65 -1.42 -6.38 1.95
C GLU B 65 -2.55 -6.37 2.98
N PHE B 66 -2.22 -6.80 4.19
CA PHE B 66 -3.15 -6.84 5.31
C PHE B 66 -3.78 -5.48 5.57
N LEU B 67 -2.95 -4.46 5.76
CA LEU B 67 -3.42 -3.11 6.03
C LEU B 67 -4.15 -2.52 4.82
N ASN B 68 -3.65 -2.86 3.62
CA ASN B 68 -4.23 -2.37 2.37
C ASN B 68 -5.66 -2.86 2.22
N GLU B 69 -5.88 -4.13 2.55
CA GLU B 69 -7.22 -4.70 2.52
C GLU B 69 -8.16 -3.92 3.44
N ALA B 70 -7.76 -3.70 4.68
CA ALA B 70 -8.54 -2.91 5.63
C ALA B 70 -8.89 -1.54 5.06
N SER B 71 -7.89 -0.90 4.44
CA SER B 71 -8.05 0.44 3.88
C SER B 71 -9.05 0.48 2.72
N VAL B 72 -8.91 -0.46 1.78
CA VAL B 72 -9.80 -0.51 0.62
C VAL B 72 -11.23 -0.84 1.07
N MET B 73 -11.35 -1.76 2.02
CA MET B 73 -12.65 -2.18 2.54
C MET B 73 -13.40 -1.11 3.34
N LYS B 74 -12.67 -0.13 3.86
CA LYS B 74 -13.29 1.01 4.54
C LYS B 74 -14.27 1.74 3.62
N GLY B 75 -14.06 1.62 2.31
CA GLY B 75 -14.90 2.29 1.32
C GLY B 75 -16.08 1.47 0.83
N PHE B 76 -16.25 0.27 1.38
CA PHE B 76 -17.29 -0.65 0.91
C PHE B 76 -18.46 -0.73 1.87
N THR B 77 -19.65 -0.44 1.37
CA THR B 77 -20.88 -0.65 2.12
C THR B 77 -21.89 -1.35 1.23
N CYS B 78 -22.05 -2.64 1.46
CA CYS B 78 -23.02 -3.43 0.71
C CYS B 78 -23.50 -4.61 1.54
N HIS B 79 -24.81 -4.84 1.52
CA HIS B 79 -25.42 -5.90 2.31
C HIS B 79 -24.92 -7.29 1.88
N HIS B 80 -24.47 -7.40 0.63
CA HIS B 80 -24.05 -8.70 0.10
C HIS B 80 -22.53 -8.80 -0.08
N VAL B 81 -21.81 -7.97 0.65
CA VAL B 81 -20.35 -8.06 0.76
C VAL B 81 -19.98 -8.00 2.24
N VAL B 82 -19.18 -8.97 2.69
CA VAL B 82 -18.71 -9.01 4.08
C VAL B 82 -18.17 -7.63 4.44
N ARG B 83 -18.73 -7.02 5.48
N ARG B 83 -18.76 -7.02 5.47
CA ARG B 83 -18.47 -5.63 5.81
CA ARG B 83 -18.45 -5.62 5.81
C ARG B 83 -17.36 -5.46 6.86
C ARG B 83 -17.33 -5.49 6.84
N LEU B 84 -16.50 -4.47 6.65
CA LEU B 84 -15.52 -4.07 7.63
C LEU B 84 -16.19 -3.05 8.55
N LEU B 85 -16.16 -3.32 9.85
CA LEU B 85 -16.86 -2.49 10.81
C LEU B 85 -15.95 -1.44 11.45
N GLY B 86 -14.68 -1.77 11.63
CA GLY B 86 -13.70 -0.85 12.20
C GLY B 86 -12.31 -1.45 12.27
N VAL B 87 -11.33 -0.61 12.56
CA VAL B 87 -9.94 -1.05 12.71
C VAL B 87 -9.39 -0.56 14.03
N VAL B 88 -8.76 -1.46 14.79
CA VAL B 88 -7.95 -1.05 15.92
C VAL B 88 -6.54 -0.76 15.41
N SER B 89 -6.30 0.50 15.13
CA SER B 89 -5.06 0.97 14.53
C SER B 89 -4.06 1.45 15.59
N LYS B 90 -4.59 1.98 16.69
CA LYS B 90 -3.78 2.51 17.79
C LYS B 90 -2.96 1.41 18.45
N GLY B 91 -1.63 1.50 18.33
CA GLY B 91 -0.71 0.52 18.90
C GLY B 91 -0.76 -0.79 18.13
N GLN B 92 -0.29 -1.85 18.78
CA GLN B 92 -0.25 -3.19 18.16
C GLN B 92 -0.65 -4.28 19.17
N PRO B 93 -1.21 -5.41 18.67
CA PRO B 93 -1.43 -5.77 17.26
C PRO B 93 -2.61 -5.04 16.64
N THR B 94 -2.53 -4.82 15.33
CA THR B 94 -3.61 -4.23 14.57
C THR B 94 -4.75 -5.24 14.50
N LEU B 95 -5.96 -4.81 14.83
CA LEU B 95 -7.13 -5.67 14.76
C LEU B 95 -8.09 -5.15 13.71
N VAL B 96 -8.35 -5.99 12.70
CA VAL B 96 -9.31 -5.64 11.65
C VAL B 96 -10.65 -6.28 11.97
N VAL B 97 -11.64 -5.45 12.27
CA VAL B 97 -12.91 -5.91 12.81
C VAL B 97 -14.01 -5.92 11.74
N MET B 98 -14.57 -7.10 11.52
CA MET B 98 -15.56 -7.31 10.49
C MET B 98 -16.81 -8.01 11.01
N GLU B 99 -17.88 -7.99 10.24
CA GLU B 99 -19.12 -8.67 10.65
C GLU B 99 -18.87 -10.16 10.72
N LEU B 100 -19.53 -10.82 11.67
CA LEU B 100 -19.40 -12.26 11.81
C LEU B 100 -20.26 -12.96 10.78
N MET B 101 -19.65 -13.90 10.06
CA MET B 101 -20.38 -14.78 9.17
C MET B 101 -20.38 -16.15 9.83
N ALA B 102 -21.41 -16.39 10.64
CA ALA B 102 -21.42 -17.48 11.62
C ALA B 102 -21.46 -18.89 11.03
N HIS B 103 -21.89 -19.00 9.78
CA HIS B 103 -21.95 -20.30 9.11
C HIS B 103 -20.78 -20.58 8.17
N GLY B 104 -19.77 -19.72 8.23
CA GLY B 104 -18.50 -19.97 7.54
C GLY B 104 -18.59 -19.87 6.03
N ASP B 105 -17.65 -20.50 5.34
CA ASP B 105 -17.58 -20.41 3.88
C ASP B 105 -18.65 -21.26 3.22
N LEU B 106 -19.06 -20.87 2.02
CA LEU B 106 -20.13 -21.54 1.30
C LEU B 106 -19.73 -22.93 0.81
N LYS B 107 -18.45 -23.13 0.50
CA LYS B 107 -18.00 -24.46 0.06
C LYS B 107 -18.23 -25.51 1.15
N SER B 108 -17.82 -25.20 2.38
CA SER B 108 -18.01 -26.09 3.53
C SER B 108 -19.48 -26.35 3.82
N TYR B 109 -20.28 -25.29 3.75
CA TYR B 109 -21.71 -25.38 4.01
C TYR B 109 -22.37 -26.29 2.97
N LEU B 110 -22.05 -26.08 1.69
CA LEU B 110 -22.59 -26.91 0.64
C LEU B 110 -22.21 -28.39 0.79
N ARG B 111 -20.96 -28.64 1.18
CA ARG B 111 -20.47 -30.01 1.36
C ARG B 111 -21.10 -30.69 2.56
N SER B 112 -21.47 -29.90 3.56
CA SER B 112 -22.15 -30.43 4.75
C SER B 112 -23.59 -30.84 4.43
N LEU B 113 -24.12 -30.30 3.34
CA LEU B 113 -25.50 -30.57 2.92
C LEU B 113 -25.63 -31.83 2.09
N ARG B 114 -24.50 -32.47 1.80
CA ARG B 114 -24.50 -33.79 1.17
C ARG B 114 -25.16 -34.82 2.10
N PRO B 115 -26.04 -35.68 1.56
CA PRO B 115 -26.69 -36.72 2.36
C PRO B 115 -25.70 -37.55 3.19
N GLU B 116 -24.58 -37.92 2.58
CA GLU B 116 -23.58 -38.78 3.22
C GLU B 116 -22.71 -38.05 4.25
N ALA B 117 -22.58 -36.73 4.11
CA ALA B 117 -21.69 -35.92 4.94
C ALA B 117 -21.80 -36.20 6.44
N GLU B 118 -20.65 -36.30 7.10
CA GLU B 118 -20.59 -36.59 8.54
C GLU B 118 -21.10 -35.42 9.37
N ASN B 119 -20.81 -34.20 8.92
CA ASN B 119 -21.22 -32.99 9.63
C ASN B 119 -22.51 -32.36 9.08
N ASN B 120 -23.41 -33.20 8.61
CA ASN B 120 -24.72 -32.78 8.12
C ASN B 120 -25.53 -32.08 9.22
N PRO B 121 -25.99 -30.84 8.96
CA PRO B 121 -26.69 -30.05 9.97
C PRO B 121 -28.16 -30.44 10.20
N GLY B 122 -28.56 -31.61 9.69
CA GLY B 122 -29.94 -32.09 9.83
C GLY B 122 -30.95 -31.39 8.95
N ARG B 123 -30.53 -31.02 7.74
CA ARG B 123 -31.41 -30.39 6.75
C ARG B 123 -30.99 -30.75 5.31
N PRO B 124 -31.96 -30.81 4.38
CA PRO B 124 -31.70 -31.25 3.00
C PRO B 124 -30.77 -30.33 2.18
N PRO B 125 -30.37 -30.77 0.97
CA PRO B 125 -29.65 -29.92 0.01
C PRO B 125 -30.44 -28.64 -0.31
N PRO B 126 -29.78 -27.65 -0.93
CA PRO B 126 -30.49 -26.42 -1.26
C PRO B 126 -31.65 -26.65 -2.22
N THR B 127 -32.79 -26.02 -1.94
CA THR B 127 -33.92 -26.01 -2.86
C THR B 127 -33.61 -25.09 -4.04
N LEU B 128 -34.44 -25.14 -5.09
CA LEU B 128 -34.31 -24.24 -6.23
C LEU B 128 -34.36 -22.77 -5.80
N GLN B 129 -35.31 -22.43 -4.92
N GLN B 129 -35.32 -22.41 -4.94
CA GLN B 129 -35.48 -21.06 -4.42
CA GLN B 129 -35.46 -21.05 -4.42
C GLN B 129 -34.27 -20.57 -3.63
C GLN B 129 -34.17 -20.60 -3.74
N GLU B 130 -33.64 -21.47 -2.88
CA GLU B 130 -32.43 -21.15 -2.10
C GLU B 130 -31.23 -20.89 -2.99
N MET B 131 -31.09 -21.71 -4.03
CA MET B 131 -30.02 -21.54 -5.02
C MET B 131 -30.13 -20.20 -5.76
N ILE B 132 -31.34 -19.85 -6.22
CA ILE B 132 -31.59 -18.54 -6.84
C ILE B 132 -31.24 -17.40 -5.88
N GLN B 133 -31.68 -17.51 -4.62
CA GLN B 133 -31.39 -16.51 -3.61
C GLN B 133 -29.87 -16.31 -3.47
N MET B 134 -29.16 -17.43 -3.32
CA MET B 134 -27.69 -17.41 -3.24
C MET B 134 -27.08 -16.77 -4.48
N ALA B 135 -27.49 -17.25 -5.65
CA ALA B 135 -26.99 -16.74 -6.92
C ALA B 135 -27.14 -15.22 -7.03
N ALA B 136 -28.30 -14.71 -6.63
CA ALA B 136 -28.57 -13.27 -6.71
C ALA B 136 -27.78 -12.46 -5.69
N GLU B 137 -27.63 -12.99 -4.48
CA GLU B 137 -26.89 -12.33 -3.41
C GLU B 137 -25.41 -12.21 -3.79
N ILE B 138 -24.84 -13.29 -4.31
CA ILE B 138 -23.48 -13.31 -4.81
C ILE B 138 -23.31 -12.31 -5.96
N ALA B 139 -24.24 -12.35 -6.93
CA ALA B 139 -24.19 -11.45 -8.08
C ALA B 139 -24.30 -9.98 -7.67
N ASP B 140 -25.19 -9.70 -6.72
CA ASP B 140 -25.40 -8.34 -6.25
C ASP B 140 -24.16 -7.78 -5.57
N GLY B 141 -23.54 -8.62 -4.74
CA GLY B 141 -22.27 -8.26 -4.10
C GLY B 141 -21.20 -7.93 -5.12
N MET B 142 -21.10 -8.79 -6.14
CA MET B 142 -20.14 -8.61 -7.21
C MET B 142 -20.48 -7.39 -8.08
N ALA B 143 -21.78 -7.11 -8.23
CA ALA B 143 -22.22 -5.90 -8.94
C ALA B 143 -21.74 -4.64 -8.25
N TYR B 144 -21.89 -4.62 -6.92
CA TYR B 144 -21.37 -3.52 -6.10
C TYR B 144 -19.88 -3.36 -6.30
N LEU B 145 -19.14 -4.45 -6.15
CA LEU B 145 -17.68 -4.42 -6.26
C LEU B 145 -17.21 -3.95 -7.63
N ASN B 146 -17.91 -4.37 -8.67
CA ASN B 146 -17.64 -3.93 -10.03
C ASN B 146 -17.87 -2.42 -10.20
N ALA B 147 -18.94 -1.92 -9.59
CA ALA B 147 -19.23 -0.48 -9.62
C ALA B 147 -18.14 0.32 -8.92
N LYS B 148 -17.42 -0.36 -8.03
CA LYS B 148 -16.30 0.24 -7.29
C LYS B 148 -14.98 0.02 -8.03
N LYS B 149 -15.07 -0.58 -9.21
CA LYS B 149 -13.91 -0.89 -10.06
C LYS B 149 -12.96 -1.89 -9.39
N PHE B 150 -13.54 -2.76 -8.57
CA PHE B 150 -12.82 -3.81 -7.87
C PHE B 150 -12.98 -5.12 -8.62
N VAL B 151 -11.85 -5.78 -8.86
CA VAL B 151 -11.81 -7.11 -9.45
C VAL B 151 -11.40 -8.08 -8.34
N HIS B 152 -12.22 -9.09 -8.10
CA HIS B 152 -12.01 -9.99 -6.97
C HIS B 152 -10.80 -10.93 -7.17
N ARG B 153 -10.71 -11.57 -8.34
CA ARG B 153 -9.63 -12.50 -8.70
C ARG B 153 -9.73 -13.91 -8.11
N ASP B 154 -10.49 -14.07 -7.03
CA ASP B 154 -10.62 -15.37 -6.37
C ASP B 154 -12.07 -15.70 -5.99
N LEU B 155 -13.01 -15.34 -6.86
CA LEU B 155 -14.40 -15.68 -6.63
C LEU B 155 -14.59 -17.20 -6.73
N ALA B 156 -15.23 -17.75 -5.70
CA ALA B 156 -15.44 -19.19 -5.55
C ALA B 156 -16.32 -19.39 -4.32
N ALA B 157 -16.98 -20.55 -4.23
CA ALA B 157 -17.82 -20.86 -3.07
C ALA B 157 -17.03 -20.73 -1.76
N ARG B 158 -15.75 -21.11 -1.77
CA ARG B 158 -14.91 -21.08 -0.57
C ARG B 158 -14.67 -19.66 -0.07
N ASN B 159 -14.89 -18.67 -0.94
CA ASN B 159 -14.71 -17.27 -0.57
C ASN B 159 -16.00 -16.54 -0.26
N CYS B 160 -17.13 -17.14 -0.65
CA CYS B 160 -18.43 -16.64 -0.25
C CYS B 160 -18.73 -17.10 1.17
N MET B 161 -19.28 -16.19 1.97
CA MET B 161 -19.53 -16.50 3.36
C MET B 161 -21.02 -16.53 3.66
N VAL B 162 -21.39 -17.26 4.71
CA VAL B 162 -22.79 -17.50 5.04
C VAL B 162 -23.11 -16.95 6.43
N ALA B 163 -24.00 -15.98 6.49
CA ALA B 163 -24.36 -15.33 7.75
C ALA B 163 -25.25 -16.22 8.62
N HIS B 164 -25.64 -15.70 9.78
CA HIS B 164 -26.52 -16.42 10.69
C HIS B 164 -27.88 -16.72 10.06
N ASP B 165 -28.42 -15.79 9.28
CA ASP B 165 -29.72 -15.99 8.63
C ASP B 165 -29.60 -16.65 7.25
N PHE B 166 -28.39 -17.10 6.92
CA PHE B 166 -28.09 -17.82 5.66
C PHE B 166 -28.02 -16.90 4.43
N THR B 167 -27.95 -15.59 4.67
CA THR B 167 -27.60 -14.65 3.62
C THR B 167 -26.17 -14.92 3.21
N VAL B 168 -25.93 -14.96 1.90
CA VAL B 168 -24.59 -15.19 1.36
C VAL B 168 -23.98 -13.87 0.94
N LYS B 169 -22.72 -13.69 1.29
CA LYS B 169 -22.00 -12.46 0.97
C LYS B 169 -20.62 -12.78 0.41
N ILE B 170 -20.12 -11.88 -0.45
CA ILE B 170 -18.79 -12.01 -1.04
C ILE B 170 -17.72 -11.76 0.01
N GLY B 171 -16.79 -12.70 0.14
CA GLY B 171 -15.63 -12.49 1.00
C GLY B 171 -14.33 -12.89 0.30
N ASP B 172 -13.23 -12.80 1.04
CA ASP B 172 -11.94 -13.28 0.57
C ASP B 172 -11.09 -13.68 1.77
N PHE B 173 -10.94 -14.99 1.94
CA PHE B 173 -10.15 -15.52 3.04
C PHE B 173 -8.65 -15.33 2.81
N GLY B 174 -8.24 -15.58 1.55
N GLY B 174 -8.18 -15.53 1.57
CA GLY B 174 -6.86 -15.77 1.17
CA GLY B 174 -6.75 -15.36 1.27
C GLY B 174 -6.68 -17.07 0.39
C GLY B 174 -5.80 -15.94 2.32
N MET B 175 -5.42 -17.40 0.06
N MET B 175 -4.73 -15.19 2.60
CA MET B 175 -5.13 -18.61 -0.70
CA MET B 175 -3.69 -15.64 3.54
C MET B 175 -4.40 -19.64 0.15
C MET B 175 -4.25 -16.10 4.90
N THR B 176 -3.96 -19.22 1.33
N THR B 176 -5.57 -16.12 5.03
CA THR B 176 -3.04 -20.03 2.14
CA THR B 176 -6.23 -16.59 6.25
C THR B 176 -3.71 -21.11 3.01
C THR B 176 -6.58 -18.07 6.09
N ARG B 177 -4.98 -20.89 3.34
N ARG B 177 -6.74 -18.49 4.85
CA ARG B 177 -5.70 -21.84 4.19
CA ARG B 177 -7.14 -19.85 4.51
C ARG B 177 -5.37 -23.28 3.81
C ARG B 177 -6.36 -20.93 5.27
N ASP B 178 -5.01 -24.09 4.81
N ASP B 178 -7.07 -21.98 5.67
CA ASP B 178 -4.87 -25.52 4.61
CA ASP B 178 -6.44 -23.11 6.37
C ASP B 178 -6.21 -26.10 4.21
C ASP B 178 -7.12 -24.45 6.07
N ILE B 179 -7.28 -25.46 4.70
N ILE B 179 -7.66 -24.59 4.85
CA ILE B 179 -8.67 -25.89 4.47
CA ILE B 179 -8.32 -25.85 4.45
C ILE B 179 -8.93 -26.37 3.04
C ILE B 179 -8.13 -26.26 2.98
N TYR B 180 -8.71 -25.49 2.05
CA TYR B 180 -8.82 -25.90 0.64
C TYR B 180 -7.57 -25.61 -0.20
N GLU B 181 -6.40 -26.04 0.31
CA GLU B 181 -5.13 -25.84 -0.39
C GLU B 181 -5.12 -26.42 -1.82
N THR B 182 -5.74 -27.57 -2.02
CA THR B 182 -5.79 -28.22 -3.34
C THR B 182 -6.61 -27.44 -4.38
N ASP B 183 -7.26 -26.36 -3.94
CA ASP B 183 -7.98 -25.47 -4.86
C ASP B 183 -7.03 -24.48 -5.54
N TYR B 184 -5.74 -24.57 -5.20
CA TYR B 184 -4.73 -23.66 -5.73
C TYR B 184 -3.54 -24.39 -6.31
N TYR B 185 -3.06 -23.88 -7.45
CA TYR B 185 -1.95 -24.49 -8.14
C TYR B 185 -0.85 -23.46 -8.37
N ARG B 186 0.39 -23.90 -8.15
CA ARG B 186 1.55 -23.05 -8.30
C ARG B 186 2.10 -23.21 -9.73
N LYS B 187 1.53 -22.44 -10.66
CA LYS B 187 1.90 -22.48 -12.07
C LYS B 187 3.23 -21.78 -12.34
N LYS B 190 5.76 -20.17 -10.12
CA LYS B 190 5.37 -18.82 -9.73
C LYS B 190 4.34 -18.81 -8.58
N GLY B 191 3.32 -17.95 -8.64
CA GLY B 191 2.37 -17.80 -7.53
C GLY B 191 1.21 -18.80 -7.51
N LEU B 192 0.61 -18.95 -6.33
CA LEU B 192 -0.60 -19.77 -6.17
C LEU B 192 -1.76 -19.17 -6.95
N LEU B 193 -2.45 -20.00 -7.73
CA LEU B 193 -3.59 -19.53 -8.52
C LEU B 193 -4.75 -20.52 -8.50
N PRO B 194 -5.98 -20.02 -8.37
CA PRO B 194 -7.15 -20.89 -8.34
C PRO B 194 -7.54 -21.37 -9.74
N VAL B 195 -6.70 -22.22 -10.34
CA VAL B 195 -6.80 -22.54 -11.76
C VAL B 195 -8.17 -23.04 -12.24
N ARG B 196 -8.84 -23.84 -11.40
CA ARG B 196 -10.13 -24.44 -11.76
C ARG B 196 -11.29 -23.44 -11.75
N TRP B 197 -11.03 -22.24 -11.23
CA TRP B 197 -12.02 -21.16 -11.23
C TRP B 197 -11.70 -20.07 -12.26
N MET B 198 -10.55 -20.19 -12.91
CA MET B 198 -10.04 -19.12 -13.79
C MET B 198 -10.51 -19.16 -15.25
N ALA B 199 -10.77 -17.97 -15.81
CA ALA B 199 -11.10 -17.81 -17.23
C ALA B 199 -9.89 -18.14 -18.12
N PRO B 200 -10.15 -18.59 -19.36
CA PRO B 200 -9.07 -18.92 -20.30
C PRO B 200 -8.08 -17.78 -20.56
N GLU B 201 -8.57 -16.53 -20.60
CA GLU B 201 -7.68 -15.40 -20.85
C GLU B 201 -6.81 -15.07 -19.64
N SER B 202 -7.34 -15.35 -18.45
CA SER B 202 -6.58 -15.24 -17.20
C SER B 202 -5.46 -16.25 -17.18
N LEU B 203 -5.80 -17.48 -17.56
CA LEU B 203 -4.82 -18.58 -17.62
C LEU B 203 -3.73 -18.29 -18.65
N LYS B 204 -4.11 -17.68 -19.77
CA LYS B 204 -3.18 -17.40 -20.84
C LYS B 204 -2.30 -16.18 -20.55
N ASP B 205 -2.92 -15.05 -20.23
CA ASP B 205 -2.23 -13.75 -20.17
C ASP B 205 -2.01 -13.22 -18.76
N GLY B 206 -2.66 -13.83 -17.76
CA GLY B 206 -2.62 -13.31 -16.40
C GLY B 206 -3.50 -12.09 -16.23
N VAL B 207 -4.37 -11.86 -17.22
CA VAL B 207 -5.34 -10.76 -17.24
C VAL B 207 -6.54 -11.09 -16.34
N PHE B 208 -6.83 -10.21 -15.37
CA PHE B 208 -8.02 -10.35 -14.52
C PHE B 208 -8.95 -9.15 -14.64
N THR B 209 -10.22 -9.43 -14.92
CA THR B 209 -11.24 -8.38 -15.07
C THR B 209 -12.54 -8.81 -14.39
N THR B 210 -13.52 -7.92 -14.39
CA THR B 210 -14.86 -8.28 -13.93
C THR B 210 -15.45 -9.40 -14.78
N SER B 211 -14.99 -9.49 -16.03
CA SER B 211 -15.40 -10.56 -16.95
C SER B 211 -14.87 -11.93 -16.54
N SER B 212 -13.63 -11.98 -16.03
CA SER B 212 -13.08 -13.22 -15.49
C SER B 212 -13.70 -13.55 -14.13
N ASP B 213 -14.14 -12.52 -13.40
CA ASP B 213 -14.94 -12.75 -12.19
C ASP B 213 -16.26 -13.42 -12.56
N MET B 214 -16.83 -12.97 -13.69
CA MET B 214 -18.07 -13.54 -14.21
C MET B 214 -17.88 -15.00 -14.60
N TRP B 215 -16.73 -15.33 -15.19
CA TRP B 215 -16.40 -16.72 -15.46
C TRP B 215 -16.46 -17.51 -14.15
N SER B 216 -15.77 -17.00 -13.14
CA SER B 216 -15.72 -17.64 -11.82
C SER B 216 -17.10 -17.79 -11.20
N PHE B 217 -17.93 -16.75 -11.35
CA PHE B 217 -19.32 -16.81 -10.90
C PHE B 217 -20.02 -18.01 -11.52
N GLY B 218 -19.72 -18.27 -12.79
CA GLY B 218 -20.24 -19.45 -13.48
C GLY B 218 -19.91 -20.72 -12.74
N VAL B 219 -18.65 -20.85 -12.33
CA VAL B 219 -18.18 -22.00 -11.57
C VAL B 219 -18.83 -22.05 -10.18
N VAL B 220 -19.07 -20.88 -9.58
CA VAL B 220 -19.80 -20.82 -8.32
C VAL B 220 -21.22 -21.39 -8.47
N LEU B 221 -21.89 -21.05 -9.58
CA LEU B 221 -23.19 -21.65 -9.87
C LEU B 221 -23.07 -23.16 -10.01
N TRP B 222 -21.99 -23.60 -10.65
CA TRP B 222 -21.74 -25.02 -10.84
C TRP B 222 -21.53 -25.70 -9.49
N GLU B 223 -20.76 -25.04 -8.61
CA GLU B 223 -20.50 -25.51 -7.24
C GLU B 223 -21.80 -25.64 -6.43
N ILE B 224 -22.64 -24.62 -6.51
CA ILE B 224 -23.92 -24.62 -5.79
C ILE B 224 -24.76 -25.84 -6.20
N THR B 225 -24.88 -26.07 -7.51
CA THR B 225 -25.76 -27.12 -8.02
C THR B 225 -25.16 -28.52 -7.98
N SER B 226 -23.89 -28.63 -7.57
CA SER B 226 -23.22 -29.93 -7.48
C SER B 226 -22.77 -30.24 -6.04
N LEU B 227 -23.14 -29.37 -5.11
CA LEU B 227 -22.69 -29.42 -3.71
C LEU B 227 -21.17 -29.36 -3.58
N ALA B 228 -20.58 -28.45 -4.35
CA ALA B 228 -19.15 -28.12 -4.32
C ALA B 228 -18.21 -29.31 -4.50
N GLU B 229 -18.40 -30.05 -5.59
CA GLU B 229 -17.41 -31.01 -6.05
C GLU B 229 -16.21 -30.22 -6.59
N GLN B 230 -15.10 -30.89 -6.84
CA GLN B 230 -13.97 -30.24 -7.51
C GLN B 230 -14.31 -30.08 -8.98
N PRO B 231 -14.24 -28.83 -9.50
CA PRO B 231 -14.40 -28.63 -10.94
C PRO B 231 -13.32 -29.37 -11.72
N TYR B 232 -13.72 -30.04 -12.81
CA TYR B 232 -12.81 -30.82 -13.66
C TYR B 232 -12.18 -31.96 -12.85
N GLN B 233 -13.02 -32.60 -12.05
CA GLN B 233 -12.65 -33.66 -11.11
C GLN B 233 -11.60 -34.64 -11.63
N GLY B 234 -11.80 -35.18 -12.84
CA GLY B 234 -10.91 -36.19 -13.39
C GLY B 234 -9.68 -35.66 -14.11
N LEU B 235 -9.44 -34.36 -14.01
CA LEU B 235 -8.27 -33.73 -14.63
C LEU B 235 -7.27 -33.18 -13.62
N SER B 236 -5.99 -33.38 -13.92
CA SER B 236 -4.90 -32.77 -13.16
C SER B 236 -4.89 -31.25 -13.37
N ASN B 237 -4.16 -30.56 -12.50
CA ASN B 237 -4.03 -29.11 -12.58
C ASN B 237 -3.49 -28.64 -13.93
N GLU B 238 -2.47 -29.34 -14.44
CA GLU B 238 -1.90 -29.05 -15.75
C GLU B 238 -2.90 -29.31 -16.86
N GLN B 239 -3.73 -30.34 -16.71
CA GLN B 239 -4.77 -30.65 -17.69
C GLN B 239 -5.85 -29.57 -17.73
N VAL B 240 -6.24 -29.08 -16.56
CA VAL B 240 -7.22 -27.99 -16.49
C VAL B 240 -6.77 -26.81 -17.37
N LEU B 241 -5.53 -26.36 -17.16
CA LEU B 241 -4.93 -25.27 -17.95
C LEU B 241 -5.13 -25.51 -19.45
N LYS B 242 -4.68 -26.68 -19.93
CA LYS B 242 -4.79 -27.03 -21.33
C LYS B 242 -6.24 -27.05 -21.78
N PHE B 243 -7.09 -27.74 -21.02
CA PHE B 243 -8.50 -27.95 -21.36
C PHE B 243 -9.26 -26.62 -21.50
N VAL B 244 -9.18 -25.78 -20.48
CA VAL B 244 -9.93 -24.52 -20.46
C VAL B 244 -9.39 -23.52 -21.50
N MET B 245 -8.06 -23.46 -21.63
CA MET B 245 -7.44 -22.57 -22.62
C MET B 245 -7.76 -22.95 -24.08
N ASP B 246 -8.01 -24.23 -24.33
N ASP B 246 -8.01 -24.23 -24.34
CA ASP B 246 -8.35 -24.71 -25.66
CA ASP B 246 -8.35 -24.68 -25.70
C ASP B 246 -9.86 -24.75 -25.94
C ASP B 246 -9.83 -24.41 -26.03
N GLY B 247 -10.64 -24.22 -25.00
CA GLY B 247 -12.07 -24.01 -25.20
C GLY B 247 -13.00 -24.91 -24.39
N GLY B 248 -12.43 -25.70 -23.49
CA GLY B 248 -13.21 -26.55 -22.61
C GLY B 248 -13.92 -25.78 -21.50
N TYR B 249 -14.97 -26.38 -20.96
CA TYR B 249 -15.70 -25.85 -19.81
C TYR B 249 -16.42 -26.99 -19.11
N LEU B 250 -16.98 -26.71 -17.95
CA LEU B 250 -17.63 -27.73 -17.14
C LEU B 250 -18.90 -28.29 -17.76
N ASP B 251 -19.22 -29.54 -17.40
CA ASP B 251 -20.49 -30.16 -17.77
C ASP B 251 -21.60 -29.66 -16.85
N GLN B 252 -22.83 -29.78 -17.30
CA GLN B 252 -23.99 -29.52 -16.45
C GLN B 252 -24.16 -30.62 -15.40
N PRO B 253 -24.28 -30.23 -14.13
CA PRO B 253 -24.51 -31.22 -13.07
C PRO B 253 -25.93 -31.75 -13.14
N ASP B 254 -26.17 -32.88 -12.47
CA ASP B 254 -27.48 -33.53 -12.48
C ASP B 254 -28.57 -32.66 -11.87
N ASN B 255 -29.74 -32.67 -12.51
CA ASN B 255 -30.97 -32.02 -12.01
C ASN B 255 -30.87 -30.50 -11.84
N CYS B 256 -29.94 -29.91 -12.59
CA CYS B 256 -29.79 -28.47 -12.68
C CYS B 256 -30.87 -27.92 -13.63
N PRO B 257 -31.61 -26.88 -13.18
CA PRO B 257 -32.71 -26.34 -14.01
C PRO B 257 -32.20 -25.49 -15.17
N GLU B 258 -32.88 -25.58 -16.31
CA GLU B 258 -32.44 -24.94 -17.57
C GLU B 258 -31.97 -23.47 -17.46
N ARG B 259 -32.62 -22.73 -16.57
CA ARG B 259 -32.38 -21.29 -16.41
C ARG B 259 -31.01 -20.99 -15.80
N VAL B 260 -30.65 -21.74 -14.75
CA VAL B 260 -29.31 -21.66 -14.15
C VAL B 260 -28.25 -22.21 -15.12
N THR B 261 -28.60 -23.27 -15.85
CA THR B 261 -27.75 -23.84 -16.89
C THR B 261 -27.40 -22.80 -17.96
N ASP B 262 -28.42 -22.07 -18.40
CA ASP B 262 -28.24 -21.01 -19.39
C ASP B 262 -27.25 -19.93 -18.94
N LEU B 263 -27.39 -19.48 -17.70
CA LEU B 263 -26.45 -18.55 -17.08
C LEU B 263 -25.02 -19.06 -17.13
N MET B 264 -24.81 -20.30 -16.66
CA MET B 264 -23.52 -20.97 -16.68
C MET B 264 -22.86 -20.92 -18.05
N ARG B 265 -23.62 -21.32 -19.07
CA ARG B 265 -23.15 -21.29 -20.46
C ARG B 265 -22.73 -19.89 -20.91
N MET B 266 -23.51 -18.88 -20.52
CA MET B 266 -23.19 -17.49 -20.84
C MET B 266 -21.92 -17.04 -20.11
N CYS B 267 -21.80 -17.43 -18.84
CA CYS B 267 -20.61 -17.14 -18.04
C CYS B 267 -19.34 -17.72 -18.65
N TRP B 268 -19.48 -18.86 -19.34
CA TRP B 268 -18.33 -19.57 -19.88
C TRP B 268 -18.13 -19.35 -21.38
N GLN B 269 -18.69 -18.25 -21.89
CA GLN B 269 -18.39 -17.78 -23.23
C GLN B 269 -16.89 -17.52 -23.33
N PHE B 270 -16.24 -18.05 -24.35
CA PHE B 270 -14.81 -17.92 -24.51
C PHE B 270 -14.40 -16.45 -24.57
N ASN B 271 -15.07 -15.69 -25.43
CA ASN B 271 -14.89 -14.25 -25.52
C ASN B 271 -15.44 -13.59 -24.26
N PRO B 272 -14.56 -12.99 -23.44
CA PRO B 272 -14.97 -12.36 -22.17
C PRO B 272 -16.01 -11.26 -22.37
N LYS B 273 -16.02 -10.67 -23.56
CA LYS B 273 -16.93 -9.57 -23.87
C LYS B 273 -18.37 -10.03 -24.22
N MET B 274 -18.61 -11.33 -24.19
CA MET B 274 -19.95 -11.89 -24.45
C MET B 274 -20.61 -12.33 -23.15
N ARG B 275 -19.83 -12.39 -22.08
CA ARG B 275 -20.30 -12.85 -20.79
C ARG B 275 -21.25 -11.83 -20.17
N PRO B 276 -22.22 -12.29 -19.37
CA PRO B 276 -23.14 -11.36 -18.71
C PRO B 276 -22.44 -10.43 -17.72
N THR B 277 -23.09 -9.33 -17.37
CA THR B 277 -22.65 -8.50 -16.27
C THR B 277 -23.43 -8.96 -15.02
N PHE B 278 -22.91 -8.63 -13.84
CA PHE B 278 -23.55 -9.03 -12.59
C PHE B 278 -24.91 -8.37 -12.41
N LEU B 279 -25.03 -7.13 -12.85
CA LEU B 279 -26.33 -6.47 -12.85
C LEU B 279 -27.33 -7.21 -13.71
N GLU B 280 -26.87 -7.79 -14.82
CA GLU B 280 -27.73 -8.57 -15.71
C GLU B 280 -28.25 -9.83 -15.04
N ILE B 281 -27.36 -10.48 -14.27
CA ILE B 281 -27.74 -11.69 -13.52
C ILE B 281 -28.83 -11.33 -12.50
N VAL B 282 -28.58 -10.31 -11.66
CA VAL B 282 -29.56 -9.93 -10.64
C VAL B 282 -30.91 -9.63 -11.28
N ASN B 283 -30.87 -8.92 -12.41
CA ASN B 283 -32.07 -8.55 -13.13
C ASN B 283 -32.87 -9.76 -13.59
N LEU B 284 -32.18 -10.81 -14.04
CA LEU B 284 -32.83 -12.05 -14.46
C LEU B 284 -33.51 -12.79 -13.31
N LEU B 285 -32.91 -12.74 -12.13
CA LEU B 285 -33.39 -13.52 -10.99
C LEU B 285 -34.35 -12.78 -10.07
N LYS B 286 -34.44 -11.46 -10.21
CA LYS B 286 -35.07 -10.60 -9.19
C LYS B 286 -36.48 -11.00 -8.75
N ASP B 287 -37.29 -11.51 -9.67
CA ASP B 287 -38.70 -11.86 -9.38
C ASP B 287 -38.86 -12.99 -8.38
N ASP B 288 -37.82 -13.81 -8.23
CA ASP B 288 -37.92 -15.01 -7.43
C ASP B 288 -37.14 -14.91 -6.11
N LEU B 289 -36.75 -13.69 -5.77
CA LEU B 289 -36.00 -13.45 -4.54
C LEU B 289 -36.92 -13.09 -3.39
N HIS B 290 -36.40 -13.23 -2.17
CA HIS B 290 -37.10 -12.83 -0.96
C HIS B 290 -37.51 -11.35 -1.04
N PRO B 291 -38.72 -11.01 -0.57
CA PRO B 291 -39.23 -9.62 -0.65
C PRO B 291 -38.29 -8.55 -0.08
N SER B 292 -37.42 -8.94 0.86
CA SER B 292 -36.49 -7.99 1.48
C SER B 292 -35.36 -7.58 0.55
N PHE B 293 -35.11 -8.39 -0.47
CA PHE B 293 -33.99 -8.16 -1.39
C PHE B 293 -33.92 -6.72 -1.94
N PRO B 294 -35.03 -6.19 -2.51
CA PRO B 294 -35.03 -4.78 -2.95
C PRO B 294 -34.72 -3.74 -1.87
N GLU B 295 -35.05 -4.04 -0.62
N GLU B 295 -35.02 -4.05 -0.62
CA GLU B 295 -34.78 -3.14 0.50
CA GLU B 295 -34.78 -3.11 0.48
C GLU B 295 -33.28 -2.99 0.75
C GLU B 295 -33.31 -3.07 0.91
N VAL B 296 -32.52 -4.06 0.48
CA VAL B 296 -31.10 -4.13 0.84
C VAL B 296 -30.09 -4.29 -0.31
N SER B 297 -30.55 -4.65 -1.50
CA SER B 297 -29.62 -4.93 -2.60
C SER B 297 -28.95 -3.66 -3.11
N PHE B 298 -27.74 -3.82 -3.63
CA PHE B 298 -27.10 -2.76 -4.40
C PHE B 298 -27.93 -2.46 -5.66
N PHE B 299 -28.41 -3.53 -6.30
CA PHE B 299 -29.18 -3.45 -7.54
C PHE B 299 -30.36 -2.48 -7.47
N HIS B 300 -31.09 -2.51 -6.36
CA HIS B 300 -32.29 -1.67 -6.19
C HIS B 300 -32.03 -0.32 -5.52
N SER B 301 -30.81 -0.10 -5.06
CA SER B 301 -30.47 1.13 -4.34
C SER B 301 -30.34 2.33 -5.30
N GLU B 302 -30.46 3.53 -4.75
CA GLU B 302 -30.24 4.77 -5.51
C GLU B 302 -28.80 4.85 -6.04
N GLU B 303 -27.89 4.12 -5.41
CA GLU B 303 -26.48 4.13 -5.79
C GLU B 303 -26.24 3.51 -7.17
N ASN B 304 -27.09 2.54 -7.53
CA ASN B 304 -26.98 1.91 -8.85
C ASN B 304 -27.71 2.71 -9.94
N LYS B 305 -26.94 3.13 -10.95
CA LYS B 305 -27.45 4.00 -12.02
C LYS B 305 -27.08 3.44 -13.40
N1 351 C . 17.70 15.98 14.88
C2 351 C . 18.36 14.80 15.45
C3 351 C . 18.43 13.76 14.41
C4 351 C . 17.33 12.98 14.12
C5 351 C . 17.42 12.00 13.15
C6 351 C . 18.60 11.79 12.47
C7 351 C . 19.69 12.58 12.77
C8 351 C . 19.61 13.56 13.72
C9 351 C . 18.72 10.78 11.46
C10 351 C . 19.94 10.19 11.21
N11 351 C . 20.22 9.26 10.30
C12 351 C . 19.12 8.93 9.60
N13 351 C . 19.11 8.01 8.60
C14 351 C . 17.86 7.89 8.09
C15 351 C . 17.04 8.77 8.77
C16 351 C . 15.63 8.88 8.47
C17 351 C . 14.74 9.24 9.45
C18 351 C . 13.40 9.36 9.13
C19 351 C . 12.96 9.13 7.85
C20 351 C . 13.85 8.77 6.86
N21 351 C . 13.36 8.53 5.57
C22 351 C . 14.02 8.91 4.42
O23 351 C . 15.02 9.63 4.39
N24 351 C . 13.44 8.36 3.29
C25 351 C . 13.67 8.81 1.98
C26 351 C . 14.95 8.99 1.50
C27 351 C . 15.14 9.44 0.20
C28 351 C . 14.06 9.69 -0.61
C29 351 C . 12.78 9.52 -0.14
C30 351 C . 12.60 9.08 1.15
O31 351 C . 11.33 8.89 1.67
C32 351 C . 10.44 8.14 0.92
C33 351 C . 10.86 7.09 0.13
C34 351 C . 9.92 6.39 -0.59
C35 351 C . 8.59 6.73 -0.52
C36 351 C . 8.18 7.78 0.26
C37 351 C . 9.11 8.50 0.99
C38 351 C . 15.19 8.65 7.18
C39 351 C . 17.85 9.43 9.74
C40 351 C . 17.63 10.40 10.71
N1 351 D . -13.69 -22.31 9.03
C2 351 D . -14.24 -21.68 10.25
C3 351 D . -14.44 -20.23 10.03
C4 351 D . -13.37 -19.37 9.88
C5 351 D . -13.59 -18.03 9.68
C6 351 D . -14.87 -17.52 9.62
C7 351 D . -15.94 -18.39 9.76
C8 351 D . -15.73 -19.73 9.97
C9 351 D . -15.14 -16.13 9.40
C10 351 D . -16.30 -15.59 9.91
N11 351 D . -16.73 -14.33 9.78
C12 351 D . -15.87 -13.60 9.09
N13 351 D . -16.07 -12.27 8.81
C14 351 D . -15.02 -11.80 8.08
C15 351 D . -14.14 -12.84 7.89
C16 351 D . -12.92 -12.67 7.14
C17 351 D . -11.83 -13.47 7.40
C18 351 D . -10.67 -13.29 6.68
C19 351 D . -10.60 -12.34 5.69
C20 351 D . -11.70 -11.53 5.43
N21 351 D . -11.59 -10.55 4.43
C22 351 D . -12.49 -10.43 3.41
O23 351 D . -13.50 -11.10 3.30
N24 351 D . -12.09 -9.45 2.54
C25 351 D . -12.83 -9.15 1.37
C26 351 D . -14.20 -9.19 1.36
C27 351 D . -14.88 -8.89 0.19
C28 351 D . -14.19 -8.55 -0.95
C29 351 D . -12.82 -8.50 -0.94
C30 351 D . -12.15 -8.79 0.23
O31 351 D . -10.77 -8.78 0.28
C32 351 D . -10.10 -7.66 -0.17
C33 351 D . -10.68 -6.40 -0.15
C34 351 D . -9.95 -5.32 -0.62
C35 351 D . -8.67 -5.50 -1.10
C36 351 D . -8.10 -6.77 -1.11
C37 351 D . -8.82 -7.84 -0.65
C38 351 D . -12.85 -11.70 6.17
C39 351 D . -14.67 -14.00 8.53
C40 351 D . -14.28 -15.31 8.68
#